data_6M8V
#
_entry.id   6M8V
#
_cell.length_a   133.440
_cell.length_b   133.440
_cell.length_c   133.440
_cell.angle_alpha   90.00
_cell.angle_beta   90.00
_cell.angle_gamma   90.00
#
_symmetry.space_group_name_H-M   'F 2 3'
#
loop_
_entity.id
_entity.type
_entity.pdbx_description
1 polymer 'Flavin prenyltransferase UbiX'
2 non-polymer 'FLAVIN MONONUCLEOTIDE'
3 non-polymer 'PHOSPHATE ION'
4 non-polymer GLYCEROL
5 water water
#
_entity_poly.entity_id   1
_entity_poly.type   'polypeptide(L)'
_entity_poly.pdbx_seq_one_letter_code
;MKIIVCITGASGVIYAKRLLEVLKDRAEVNLIISNSAKKIIKEELDIDWKEIKKLATDYYENDDFFSPLASGSNKFDAVV
VVPCSMKTLSAIANGYSANLIVRVCDIALKERRKLIIMPREMPFNSIHLENMLKLSNLGAIVMPPIPAFYNKPKNVNDII
NFVVGRVLDILGIDNSLFKRWGTV
;
_entity_poly.pdbx_strand_id   A
#
# COMPACT_ATOMS: atom_id res chain seq x y z
N MET A 1 -6.81 6.20 14.08
CA MET A 1 -6.45 5.04 13.29
C MET A 1 -5.01 5.14 12.80
N LYS A 2 -4.20 4.15 13.14
CA LYS A 2 -2.78 4.13 12.77
C LYS A 2 -2.59 3.19 11.57
N ILE A 3 -2.19 3.77 10.44
CA ILE A 3 -2.06 3.04 9.18
C ILE A 3 -0.61 3.11 8.73
N ILE A 4 -0.04 1.95 8.42
CA ILE A 4 1.31 1.87 7.85
C ILE A 4 1.18 1.82 6.33
N VAL A 5 1.72 2.83 5.66
CA VAL A 5 1.74 2.87 4.20
C VAL A 5 3.13 2.48 3.73
N CYS A 6 3.20 1.43 2.91
CA CYS A 6 4.47 0.89 2.41
C CYS A 6 4.49 1.01 0.90
N ILE A 7 5.47 1.73 0.37
CA ILE A 7 5.63 1.92 -1.06
C ILE A 7 6.80 1.06 -1.53
N THR A 8 6.53 0.15 -2.46
CA THR A 8 7.58 -0.70 -3.02
C THR A 8 7.77 -0.39 -4.49
N GLY A 9 8.86 -0.92 -5.05
CA GLY A 9 9.27 -0.58 -6.39
C GLY A 9 8.45 -1.20 -7.50
N ALA A 10 7.24 -0.71 -7.70
CA ALA A 10 6.44 -1.13 -8.85
C ALA A 10 5.77 0.12 -9.42
N SER A 11 5.38 0.03 -10.69
CA SER A 11 4.76 1.16 -11.34
C SER A 11 3.44 1.51 -10.66
N GLY A 12 3.10 2.79 -10.68
CA GLY A 12 1.87 3.25 -10.07
C GLY A 12 2.03 3.83 -8.69
N VAL A 13 3.18 4.40 -8.35
CA VAL A 13 3.35 5.05 -7.06
C VAL A 13 2.44 6.26 -6.90
N ILE A 14 1.82 6.74 -7.98
CA ILE A 14 0.84 7.82 -7.88
C ILE A 14 -0.30 7.42 -6.96
N TYR A 15 -0.66 6.12 -6.94
CA TYR A 15 -1.68 5.66 -6.01
C TYR A 15 -1.26 5.91 -4.57
N ALA A 16 0.00 5.64 -4.25
CA ALA A 16 0.47 5.86 -2.88
C ALA A 16 0.48 7.34 -2.53
N LYS A 17 0.87 8.20 -3.49
CA LYS A 17 0.88 9.63 -3.23
C LYS A 17 -0.53 10.14 -2.94
N ARG A 18 -1.50 9.75 -3.77
CA ARG A 18 -2.88 10.19 -3.56
C ARG A 18 -3.45 9.65 -2.25
N LEU A 19 -3.17 8.38 -1.94
CA LEU A 19 -3.65 7.82 -0.67
C LEU A 19 -3.08 8.59 0.52
N LEU A 20 -1.80 8.96 0.46
CA LEU A 20 -1.18 9.66 1.57
C LEU A 20 -1.80 11.02 1.82
N GLU A 21 -2.21 11.72 0.75
CA GLU A 21 -2.76 13.06 0.96
C GLU A 21 -4.22 13.01 1.39
N VAL A 22 -5.01 12.07 0.90
CA VAL A 22 -6.37 11.94 1.42
C VAL A 22 -6.40 11.39 2.84
N LEU A 23 -5.30 10.81 3.33
CA LEU A 23 -5.20 10.32 4.69
C LEU A 23 -4.59 11.33 5.65
N LYS A 24 -4.11 12.47 5.13
CA LYS A 24 -3.27 13.38 5.88
C LYS A 24 -3.89 13.77 7.22
N ASP A 25 -5.13 14.24 7.18
CA ASP A 25 -5.76 14.76 8.39
C ASP A 25 -6.85 13.83 8.91
N ARG A 26 -6.82 12.56 8.51
CA ARG A 26 -7.83 11.61 8.94
C ARG A 26 -7.26 10.37 9.64
N ALA A 27 -5.94 10.23 9.72
CA ALA A 27 -5.35 9.06 10.35
C ALA A 27 -3.89 9.34 10.66
N GLU A 28 -3.37 8.65 11.68
CA GLU A 28 -1.94 8.66 11.97
C GLU A 28 -1.26 7.73 10.98
N VAL A 29 -0.43 8.29 10.12
CA VAL A 29 0.13 7.56 8.99
C VAL A 29 1.63 7.39 9.22
N ASN A 30 2.09 6.14 9.24
CA ASN A 30 3.51 5.83 9.21
C ASN A 30 3.88 5.36 7.81
N LEU A 31 5.00 5.86 7.30
CA LEU A 31 5.38 5.66 5.91
C LEU A 31 6.74 4.97 5.84
N ILE A 32 6.83 3.98 4.96
CA ILE A 32 8.08 3.32 4.60
C ILE A 32 8.17 3.28 3.08
N ILE A 33 9.33 3.64 2.55
CA ILE A 33 9.56 3.67 1.10
C ILE A 33 10.83 2.86 0.81
N SER A 34 10.69 1.81 0.00
CA SER A 34 11.85 1.01 -0.34
C SER A 34 12.77 1.78 -1.29
N ASN A 35 14.04 1.34 -1.34
CA ASN A 35 15.02 2.00 -2.21
C ASN A 35 14.57 1.99 -3.66
N SER A 36 14.01 0.86 -4.13
CA SER A 36 13.51 0.79 -5.50
C SER A 36 12.37 1.78 -5.72
N ALA A 37 11.47 1.91 -4.75
CA ALA A 37 10.37 2.85 -4.89
C ALA A 37 10.86 4.30 -4.94
N LYS A 38 11.94 4.60 -4.22
CA LYS A 38 12.50 5.95 -4.29
C LYS A 38 12.87 6.32 -5.73
N LYS A 39 13.49 5.38 -6.45
CA LYS A 39 13.81 5.63 -7.85
C LYS A 39 12.56 5.72 -8.71
N ILE A 40 11.51 4.95 -8.39
CA ILE A 40 10.32 4.98 -9.22
C ILE A 40 9.52 6.26 -9.00
N ILE A 41 9.45 6.72 -7.74
CA ILE A 41 8.85 8.03 -7.46
C ILE A 41 9.52 9.12 -8.29
N LYS A 42 10.86 9.08 -8.34
CA LYS A 42 11.60 10.08 -9.11
C LYS A 42 11.29 9.95 -10.60
N GLU A 43 11.23 8.73 -11.12
CA GLU A 43 11.06 8.55 -12.55
C GLU A 43 9.62 8.80 -12.99
N GLU A 44 8.64 8.36 -12.22
CA GLU A 44 7.24 8.43 -12.63
C GLU A 44 6.56 9.71 -12.17
N LEU A 45 6.98 10.28 -11.04
CA LEU A 45 6.35 11.49 -10.52
C LEU A 45 7.23 12.73 -10.69
N ASP A 46 8.45 12.56 -11.21
CA ASP A 46 9.37 13.68 -11.50
C ASP A 46 9.56 14.59 -10.29
N ILE A 47 9.39 14.03 -9.10
CA ILE A 47 9.67 14.71 -7.85
C ILE A 47 10.60 13.82 -7.03
N ASP A 48 11.40 14.45 -6.18
CA ASP A 48 12.27 13.67 -5.31
C ASP A 48 11.45 12.94 -4.27
N TRP A 49 11.95 11.78 -3.84
CA TRP A 49 11.19 10.93 -2.92
C TRP A 49 10.92 11.62 -1.59
N LYS A 50 11.82 12.50 -1.14
CA LYS A 50 11.62 13.19 0.11
C LYS A 50 10.37 14.07 0.10
N GLU A 51 9.87 14.41 -1.09
CA GLU A 51 8.60 15.12 -1.19
C GLU A 51 7.43 14.26 -0.72
N ILE A 52 7.53 12.94 -0.92
CA ILE A 52 6.49 12.04 -0.42
C ILE A 52 6.64 11.85 1.08
N LYS A 53 7.88 11.88 1.59
CA LYS A 53 8.15 11.66 3.00
C LYS A 53 7.39 12.61 3.90
N LYS A 54 7.15 13.84 3.44
CA LYS A 54 6.56 14.84 4.32
C LYS A 54 5.05 14.69 4.49
N LEU A 55 4.39 13.81 3.72
CA LEU A 55 2.95 13.67 3.86
C LEU A 55 2.55 12.70 4.97
N ALA A 56 3.49 12.16 5.72
CA ALA A 56 3.21 11.17 6.74
C ALA A 56 3.50 11.72 8.13
N THR A 57 2.78 11.20 9.12
CA THR A 57 3.05 11.56 10.51
C THR A 57 4.38 11.00 11.00
N ASP A 58 4.89 9.95 10.37
CA ASP A 58 6.20 9.39 10.71
C ASP A 58 6.75 8.69 9.48
N TYR A 59 8.07 8.64 9.40
CA TYR A 59 8.78 7.93 8.33
C TYR A 59 9.87 7.06 8.93
N TYR A 60 10.07 5.89 8.34
CA TYR A 60 11.16 5.01 8.74
C TYR A 60 11.82 4.44 7.50
N GLU A 61 13.14 4.30 7.55
CA GLU A 61 13.87 3.70 6.45
C GLU A 61 13.56 2.21 6.38
N ASN A 62 13.56 1.66 5.16
CA ASN A 62 13.22 0.26 4.98
C ASN A 62 14.24 -0.68 5.63
N ASP A 63 15.41 -0.18 6.02
CA ASP A 63 16.41 -1.01 6.68
C ASP A 63 16.54 -0.69 8.16
N ASP A 64 15.65 0.13 8.72
CA ASP A 64 15.73 0.55 10.12
C ASP A 64 14.93 -0.43 10.98
N PHE A 65 15.57 -1.55 11.31
CA PHE A 65 14.86 -2.55 12.10
C PHE A 65 14.71 -2.13 13.55
N PHE A 66 15.44 -1.11 13.99
CA PHE A 66 15.23 -0.55 15.31
C PHE A 66 14.02 0.37 15.37
N SER A 67 13.29 0.52 14.27
CA SER A 67 12.03 1.25 14.29
C SER A 67 11.05 0.58 15.24
N PRO A 68 10.21 1.35 15.93
CA PRO A 68 9.20 0.73 16.79
C PRO A 68 8.23 -0.17 16.05
N LEU A 69 8.01 0.09 14.75
CA LEU A 69 7.11 -0.75 13.96
C LEU A 69 7.57 -2.20 13.88
N ALA A 70 8.86 -2.45 14.04
CA ALA A 70 9.45 -3.77 13.80
C ALA A 70 9.17 -4.77 14.91
N SER A 71 8.25 -4.47 15.83
CA SER A 71 7.91 -5.41 16.90
C SER A 71 6.41 -5.45 17.09
N GLY A 72 5.89 -6.66 17.33
CA GLY A 72 4.48 -6.82 17.63
C GLY A 72 4.07 -6.23 18.96
N SER A 73 5.02 -5.97 19.85
CA SER A 73 4.70 -5.34 21.12
C SER A 73 4.13 -3.94 20.90
N ASN A 74 4.49 -3.30 19.79
CA ASN A 74 3.89 -2.02 19.40
C ASN A 74 2.71 -2.26 18.48
N LYS A 75 1.78 -1.32 18.46
CA LYS A 75 0.48 -1.55 17.86
C LYS A 75 0.23 -0.64 16.66
N PHE A 76 -0.57 -1.15 15.73
CA PHE A 76 -1.11 -0.37 14.62
C PHE A 76 -2.41 -1.01 14.18
N ASP A 77 -3.16 -0.28 13.35
CA ASP A 77 -4.47 -0.75 12.91
C ASP A 77 -4.46 -1.42 11.54
N ALA A 78 -3.63 -0.94 10.60
CA ALA A 78 -3.68 -1.47 9.25
C ALA A 78 -2.37 -1.19 8.53
N VAL A 79 -2.05 -2.06 7.59
CA VAL A 79 -0.92 -1.91 6.69
C VAL A 79 -1.46 -1.85 5.27
N VAL A 80 -0.94 -0.91 4.47
CA VAL A 80 -1.27 -0.83 3.05
C VAL A 80 0.04 -0.84 2.28
N VAL A 81 0.22 -1.86 1.45
CA VAL A 81 1.38 -1.96 0.57
C VAL A 81 0.90 -1.51 -0.80
N VAL A 82 1.27 -0.30 -1.19
CA VAL A 82 0.79 0.31 -2.43
C VAL A 82 1.91 1.12 -3.08
N PRO A 83 2.30 0.80 -4.32
CA PRO A 83 1.93 -0.46 -4.97
C PRO A 83 2.77 -1.59 -4.41
N CYS A 84 2.41 -2.85 -4.67
CA CYS A 84 3.16 -3.99 -4.17
C CYS A 84 3.90 -4.63 -5.33
N SER A 85 5.23 -4.61 -5.28
CA SER A 85 6.02 -5.26 -6.30
C SER A 85 5.85 -6.78 -6.21
N MET A 86 6.23 -7.48 -7.29
CA MET A 86 6.13 -8.94 -7.26
C MET A 86 7.15 -9.50 -6.28
N LYS A 87 8.31 -8.85 -6.18
CA LYS A 87 9.32 -9.23 -5.19
C LYS A 87 8.77 -9.15 -3.77
N THR A 88 8.10 -8.05 -3.45
CA THR A 88 7.58 -7.91 -2.09
C THR A 88 6.37 -8.80 -1.86
N LEU A 89 5.54 -9.00 -2.88
CA LEU A 89 4.46 -9.98 -2.79
C LEU A 89 5.01 -11.36 -2.44
N SER A 90 6.10 -11.76 -3.11
CA SER A 90 6.73 -13.04 -2.81
C SER A 90 7.23 -13.08 -1.37
N ALA A 91 7.94 -12.02 -0.94
CA ALA A 91 8.50 -11.99 0.41
C ALA A 91 7.43 -12.07 1.48
N ILE A 92 6.33 -11.33 1.31
CA ILE A 92 5.23 -11.39 2.27
C ILE A 92 4.64 -12.80 2.31
N ALA A 93 4.37 -13.38 1.15
CA ALA A 93 3.74 -14.70 1.11
C ALA A 93 4.62 -15.78 1.73
N ASN A 94 5.95 -15.64 1.64
CA ASN A 94 6.86 -16.65 2.16
C ASN A 94 7.46 -16.26 3.50
N GLY A 95 7.15 -15.08 4.02
CA GLY A 95 7.64 -14.69 5.34
C GLY A 95 9.06 -14.20 5.39
N TYR A 96 9.64 -13.78 4.25
CA TYR A 96 11.05 -13.39 4.19
C TYR A 96 11.16 -11.93 4.58
N SER A 97 11.05 -11.67 5.89
CA SER A 97 11.02 -10.31 6.40
C SER A 97 12.45 -9.77 6.50
N ALA A 98 13.05 -9.54 5.32
CA ALA A 98 14.41 -9.02 5.24
C ALA A 98 14.49 -7.50 5.28
N ASN A 99 13.35 -6.81 5.29
CA ASN A 99 13.31 -5.36 5.43
C ASN A 99 12.14 -5.01 6.34
N LEU A 100 11.97 -3.71 6.61
CA LEU A 100 10.94 -3.29 7.55
C LEU A 100 9.54 -3.48 6.99
N ILE A 101 9.37 -3.29 5.67
CA ILE A 101 8.05 -3.43 5.07
C ILE A 101 7.50 -4.84 5.28
N VAL A 102 8.27 -5.85 4.88
CA VAL A 102 7.81 -7.24 5.01
C VAL A 102 7.69 -7.60 6.49
N ARG A 103 8.54 -7.06 7.34
CA ARG A 103 8.44 -7.36 8.77
C ARG A 103 7.12 -6.86 9.35
N VAL A 104 6.69 -5.65 8.97
CA VAL A 104 5.41 -5.16 9.51
C VAL A 104 4.22 -5.88 8.88
N CYS A 105 4.37 -6.36 7.64
CA CYS A 105 3.32 -7.24 7.10
C CYS A 105 3.25 -8.55 7.87
N ASP A 106 4.41 -9.15 8.16
CA ASP A 106 4.43 -10.40 8.92
C ASP A 106 3.87 -10.18 10.33
N ILE A 107 4.16 -9.03 10.91
CA ILE A 107 3.59 -8.67 12.21
C ILE A 107 2.08 -8.55 12.11
N ALA A 108 1.60 -7.86 11.08
CA ALA A 108 0.16 -7.72 10.89
C ALA A 108 -0.52 -9.08 10.83
N LEU A 109 0.11 -10.07 10.19
CA LEU A 109 -0.50 -11.38 10.07
C LEU A 109 -0.50 -12.12 11.40
N LYS A 110 0.61 -12.07 12.15
CA LYS A 110 0.63 -12.79 13.42
C LYS A 110 -0.23 -12.09 14.47
N GLU A 111 -0.31 -10.76 14.45
CA GLU A 111 -1.14 -10.02 15.41
C GLU A 111 -2.57 -9.85 14.92
N ARG A 112 -2.90 -10.40 13.75
CA ARG A 112 -4.25 -10.34 13.19
C ARG A 112 -4.72 -8.91 12.98
N ARG A 113 -3.84 -8.06 12.46
CA ARG A 113 -4.18 -6.71 12.05
C ARG A 113 -4.42 -6.68 10.55
N LYS A 114 -5.19 -5.69 10.11
CA LYS A 114 -5.61 -5.63 8.72
C LYS A 114 -4.41 -5.39 7.79
N LEU A 115 -4.29 -6.21 6.75
CA LEU A 115 -3.21 -6.10 5.78
C LEU A 115 -3.80 -6.00 4.39
N ILE A 116 -3.51 -4.90 3.71
CA ILE A 116 -3.94 -4.65 2.34
C ILE A 116 -2.71 -4.60 1.45
N ILE A 117 -2.73 -5.38 0.38
CA ILE A 117 -1.63 -5.38 -0.60
C ILE A 117 -2.23 -5.10 -1.97
N MET A 118 -1.51 -4.32 -2.78
CA MET A 118 -1.96 -3.90 -4.10
C MET A 118 -0.91 -4.29 -5.14
N PRO A 119 -0.85 -5.57 -5.51
CA PRO A 119 0.18 -6.00 -6.47
CA PRO A 119 0.18 -6.00 -6.47
C PRO A 119 -0.08 -5.44 -7.86
N ARG A 120 0.95 -4.83 -8.44
CA ARG A 120 0.87 -4.16 -9.74
C ARG A 120 1.75 -4.93 -10.73
N GLU A 121 1.12 -5.67 -11.63
CA GLU A 121 1.82 -6.45 -12.64
C GLU A 121 0.82 -6.83 -13.71
N MET A 122 1.32 -7.02 -14.92
CA MET A 122 0.44 -7.41 -16.01
C MET A 122 1.26 -8.00 -17.15
N PRO A 123 0.98 -9.25 -17.55
CA PRO A 123 0.07 -10.19 -16.89
C PRO A 123 0.64 -10.73 -15.57
N PHE A 124 -0.18 -11.46 -14.83
CA PHE A 124 0.29 -12.26 -13.71
C PHE A 124 0.68 -13.66 -14.19
N ASN A 125 1.72 -14.23 -13.59
CA ASN A 125 2.01 -15.65 -13.79
C ASN A 125 1.48 -16.44 -12.59
N SER A 126 1.68 -17.76 -12.63
CA SER A 126 1.14 -18.63 -11.59
C SER A 126 1.82 -18.42 -10.24
N ILE A 127 3.06 -17.93 -10.24
CA ILE A 127 3.73 -17.65 -8.98
C ILE A 127 3.08 -16.46 -8.28
N HIS A 128 2.84 -15.38 -9.02
CA HIS A 128 2.12 -14.24 -8.47
C HIS A 128 0.76 -14.69 -7.93
N LEU A 129 0.02 -15.45 -8.73
CA LEU A 129 -1.34 -15.80 -8.34
C LEU A 129 -1.36 -16.69 -7.10
N GLU A 130 -0.41 -17.63 -7.00
CA GLU A 130 -0.37 -18.47 -5.81
C GLU A 130 0.07 -17.68 -4.58
N ASN A 131 0.99 -16.73 -4.75
CA ASN A 131 1.39 -15.91 -3.62
C ASN A 131 0.22 -15.06 -3.14
N MET A 132 -0.57 -14.53 -4.07
CA MET A 132 -1.76 -13.76 -3.68
C MET A 132 -2.82 -14.65 -3.03
N LEU A 133 -3.04 -15.84 -3.60
CA LEU A 133 -4.03 -16.74 -3.04
C LEU A 133 -3.69 -17.13 -1.60
N LYS A 134 -2.43 -17.50 -1.37
CA LYS A 134 -1.99 -17.83 -0.01
C LYS A 134 -2.28 -16.70 0.97
N LEU A 135 -1.95 -15.47 0.59
CA LEU A 135 -2.14 -14.33 1.50
C LEU A 135 -3.62 -14.03 1.69
N SER A 136 -4.40 -14.09 0.61
CA SER A 136 -5.86 -13.94 0.73
C SER A 136 -6.45 -15.01 1.64
N ASN A 137 -5.96 -16.25 1.53
CA ASN A 137 -6.42 -17.33 2.40
C ASN A 137 -6.10 -17.07 3.87
N LEU A 138 -5.05 -16.29 4.14
CA LEU A 138 -4.69 -15.95 5.51
C LEU A 138 -5.40 -14.72 6.03
N GLY A 139 -6.24 -14.07 5.21
CA GLY A 139 -7.03 -12.94 5.63
C GLY A 139 -6.53 -11.60 5.12
N ALA A 140 -5.42 -11.56 4.39
CA ALA A 140 -5.01 -10.33 3.74
C ALA A 140 -6.01 -9.95 2.65
N ILE A 141 -6.15 -8.66 2.42
CA ILE A 141 -7.02 -8.14 1.37
C ILE A 141 -6.16 -7.88 0.14
N VAL A 142 -6.29 -8.73 -0.87
CA VAL A 142 -5.46 -8.67 -2.05
C VAL A 142 -6.17 -7.80 -3.08
N MET A 143 -5.57 -6.65 -3.40
CA MET A 143 -6.27 -5.57 -4.07
C MET A 143 -5.38 -4.93 -5.14
N PRO A 144 -5.10 -5.66 -6.22
CA PRO A 144 -4.36 -5.02 -7.34
C PRO A 144 -5.13 -3.81 -7.85
N PRO A 145 -4.43 -2.74 -8.21
CA PRO A 145 -5.13 -1.53 -8.67
C PRO A 145 -5.75 -1.73 -10.04
N ILE A 146 -7.04 -2.11 -10.04
CA ILE A 146 -7.76 -2.41 -11.27
C ILE A 146 -8.94 -1.45 -11.35
N PRO A 147 -8.77 -0.28 -11.96
CA PRO A 147 -9.87 0.69 -12.01
C PRO A 147 -11.07 0.15 -12.75
N ALA A 148 -12.24 0.60 -12.32
CA ALA A 148 -13.50 0.42 -13.05
C ALA A 148 -13.84 1.70 -13.79
N PHE A 149 -14.90 1.64 -14.60
CA PHE A 149 -15.27 2.78 -15.43
C PHE A 149 -16.75 3.11 -15.36
N TYR A 150 -17.51 2.51 -14.42
CA TYR A 150 -18.92 2.86 -14.29
C TYR A 150 -19.09 4.26 -13.72
N ASN A 151 -18.06 4.81 -13.07
CA ASN A 151 -18.06 6.20 -12.63
C ASN A 151 -17.72 7.17 -13.75
N LYS A 152 -17.46 6.66 -14.96
CA LYS A 152 -17.11 7.45 -16.15
C LYS A 152 -16.01 8.44 -15.83
N PRO A 153 -14.77 7.98 -15.67
CA PRO A 153 -13.67 8.92 -15.39
C PRO A 153 -13.43 9.86 -16.55
N LYS A 154 -13.20 11.13 -16.22
CA LYS A 154 -12.91 12.14 -17.22
C LYS A 154 -11.43 12.38 -17.41
N ASN A 155 -10.58 11.87 -16.52
CA ASN A 155 -9.16 12.12 -16.57
C ASN A 155 -8.45 11.06 -15.74
N VAL A 156 -7.12 11.09 -15.81
CA VAL A 156 -6.31 10.17 -15.01
C VAL A 156 -6.65 10.32 -13.52
N ASN A 157 -6.87 11.56 -13.08
CA ASN A 157 -7.14 11.82 -11.66
C ASN A 157 -8.38 11.09 -11.17
N ASP A 158 -9.42 11.02 -12.00
CA ASP A 158 -10.62 10.28 -11.62
C ASP A 158 -10.35 8.79 -11.45
N ILE A 159 -9.43 8.25 -12.25
CA ILE A 159 -9.06 6.85 -12.10
C ILE A 159 -8.31 6.63 -10.80
N ILE A 160 -7.36 7.53 -10.49
CA ILE A 160 -6.59 7.39 -9.25
C ILE A 160 -7.48 7.52 -8.03
N ASN A 161 -8.48 8.42 -8.09
CA ASN A 161 -9.34 8.63 -6.94
C ASN A 161 -10.32 7.47 -6.73
N PHE A 162 -10.69 6.78 -7.81
CA PHE A 162 -11.49 5.56 -7.64
C PHE A 162 -10.71 4.51 -6.86
N VAL A 163 -9.49 4.22 -7.30
CA VAL A 163 -8.68 3.20 -6.63
C VAL A 163 -8.45 3.57 -5.17
N VAL A 164 -8.12 4.83 -4.91
CA VAL A 164 -7.82 5.27 -3.54
C VAL A 164 -9.10 5.25 -2.70
N GLY A 165 -10.22 5.67 -3.27
CA GLY A 165 -11.49 5.60 -2.54
C GLY A 165 -11.84 4.19 -2.12
N ARG A 166 -11.58 3.22 -3.00
CA ARG A 166 -11.84 1.83 -2.65
C ARG A 166 -10.92 1.36 -1.52
N VAL A 167 -9.67 1.84 -1.51
CA VAL A 167 -8.77 1.52 -0.40
C VAL A 167 -9.32 2.07 0.90
N LEU A 168 -9.78 3.31 0.88
CA LEU A 168 -10.39 3.89 2.09
C LEU A 168 -11.64 3.12 2.49
N ASP A 169 -12.43 2.67 1.51
CA ASP A 169 -13.57 1.82 1.80
C ASP A 169 -13.17 0.60 2.62
N ILE A 170 -12.12 -0.11 2.17
CA ILE A 170 -11.63 -1.29 2.87
C ILE A 170 -11.11 -0.93 4.26
N LEU A 171 -10.50 0.24 4.40
CA LEU A 171 -10.01 0.69 5.69
C LEU A 171 -11.14 1.09 6.64
N GLY A 172 -12.37 1.21 6.15
CA GLY A 172 -13.45 1.70 6.98
C GLY A 172 -13.50 3.21 7.12
N ILE A 173 -12.91 3.93 6.17
CA ILE A 173 -12.85 5.39 6.20
C ILE A 173 -13.88 5.92 5.21
N ASP A 174 -14.86 6.67 5.72
CA ASP A 174 -15.88 7.27 4.88
C ASP A 174 -15.24 8.28 3.92
N ASN A 175 -15.66 8.24 2.66
CA ASN A 175 -15.13 9.16 1.66
C ASN A 175 -16.12 9.30 0.52
N SER A 176 -15.98 10.40 -0.22
CA SER A 176 -16.73 10.65 -1.44
C SER A 176 -15.79 10.86 -2.63
N LEU A 177 -14.69 10.10 -2.65
CA LEU A 177 -13.65 10.29 -3.66
C LEU A 177 -14.10 9.88 -5.06
N PHE A 178 -15.11 9.03 -5.19
CA PHE A 178 -15.56 8.58 -6.50
C PHE A 178 -17.07 8.47 -6.52
N LYS A 179 -17.63 8.56 -7.73
CA LYS A 179 -19.06 8.36 -7.92
C LYS A 179 -19.37 6.87 -7.82
N ARG A 180 -20.07 6.48 -6.75
CA ARG A 180 -20.31 5.07 -6.48
C ARG A 180 -21.31 4.50 -7.51
N TRP A 181 -21.52 3.19 -7.42
CA TRP A 181 -22.28 2.49 -8.46
C TRP A 181 -23.72 3.01 -8.52
N GLY A 182 -24.37 3.16 -7.37
CA GLY A 182 -25.71 3.73 -7.35
C GLY A 182 -25.75 5.19 -7.74
N THR A 183 -24.59 5.74 -8.10
CA THR A 183 -24.41 7.15 -8.44
C THR A 183 -24.82 8.04 -7.27
#